data_5WT6
#
_entry.id   5WT6
#
_cell.length_a   102.750
_cell.length_b   102.750
_cell.length_c   131.970
_cell.angle_alpha   90.00
_cell.angle_beta   90.00
_cell.angle_gamma   90.00
#
_symmetry.space_group_name_H-M   'P 41 21 2'
#
loop_
_entity.id
_entity.type
_entity.pdbx_description
1 polymer 'Cysteine desulfurase IscS'
2 non-polymer 'ISOPROPYL ALCOHOL'
3 non-polymer 'CHLORIDE ION'
4 non-polymer '2-[(3-HYDROXY-2-METHYL-5-PHOSPHONOOXYMETHYL-PYRIDIN-4-YLMETHYL)-AMINO]-PROPIONIC ACID'
5 water water
#
_entity_poly.entity_id   1
_entity_poly.type   'polypeptide(L)'
_entity_poly.pdbx_seq_one_letter_code
;MVQRIYLDNNATTRIDPKVKEIMDPFLRDHYGNPSSLHQFGTETHPAIAEALDKLYKGINARDIDDVIITSCATESNNWV
LKGVYFDECLKKGKNHIVTTVAEHPAVRSTCNFLESLGVEVTYLPINEHGSITAEQVREAITEKTALVSVMWANNETGLI
FPIEEIGAICKEKGVLFHTDAVQAIGKIPVDVLKANADFLSFSAHKFHGPKGIGGLYIRSGVGLTPLFHGGEHMNGRRSG
TLNVPYIVGMGEAMKLAVEHLDYEKEVVGKLRDKLEEALLKIPDVMVVGDRIHRVPNTTLVSVRGIEGEAMLWDLNRSNI
AASTGSA(CSS)ASEDLEANPVMVAIGASKELAHTAIRLSLSRFNTEAEIDKTIEVFSQAAVRLRNISSSYVDLVPRGSH
HHHHH
;
_entity_poly.pdbx_strand_id   A
#
loop_
_chem_comp.id
_chem_comp.type
_chem_comp.name
_chem_comp.formula
CL non-polymer 'CHLORIDE ION' 'Cl -1'
IPA non-polymer 'ISOPROPYL ALCOHOL' 'C3 H8 O'
PDA non-polymer '2-[(3-HYDROXY-2-METHYL-5-PHOSPHONOOXYMETHYL-PYRIDIN-4-YLMETHYL)-AMINO]-PROPIONIC ACID' 'C11 H17 N2 O7 P'
#
# COMPACT_ATOMS: atom_id res chain seq x y z
N VAL A 2 16.78 -21.89 15.28
CA VAL A 2 16.92 -21.04 14.10
C VAL A 2 16.38 -19.64 14.36
N GLN A 3 17.13 -18.64 13.92
CA GLN A 3 16.75 -17.23 14.03
C GLN A 3 16.70 -16.66 12.62
N ARG A 4 15.49 -16.45 12.10
CA ARG A 4 15.35 -15.90 10.76
C ARG A 4 14.93 -14.43 10.84
N ILE A 5 15.28 -13.70 9.78
CA ILE A 5 15.16 -12.24 9.73
C ILE A 5 14.24 -11.87 8.58
N TYR A 6 13.12 -11.22 8.91
CA TYR A 6 12.11 -10.88 7.93
C TYR A 6 12.29 -9.43 7.50
N LEU A 7 12.74 -9.24 6.25
CA LEU A 7 12.94 -7.91 5.68
C LEU A 7 12.08 -7.72 4.43
N ASP A 8 10.93 -8.38 4.36
CA ASP A 8 10.02 -8.24 3.23
C ASP A 8 8.64 -7.73 3.66
N ASN A 9 8.63 -6.68 4.47
CA ASN A 9 7.36 -6.17 5.00
C ASN A 9 6.55 -5.40 3.97
N ASN A 10 7.06 -5.19 2.76
CA ASN A 10 6.26 -4.66 1.68
C ASN A 10 5.56 -5.74 0.87
N ALA A 11 5.81 -7.00 1.18
CA ALA A 11 5.00 -8.10 0.67
C ALA A 11 3.87 -8.43 1.64
N THR A 12 4.19 -8.52 2.93
CA THR A 12 3.22 -8.67 4.00
C THR A 12 3.95 -8.47 5.32
N THR A 13 3.19 -8.25 6.39
CA THR A 13 3.76 -7.99 7.71
C THR A 13 3.24 -9.03 8.70
N ARG A 14 3.94 -9.13 9.83
CA ARG A 14 3.51 -10.01 10.90
C ARG A 14 2.36 -9.40 11.69
N ILE A 15 1.37 -10.21 12.00
CA ILE A 15 0.24 -9.76 12.81
C ILE A 15 0.73 -9.43 14.22
N ASP A 16 0.50 -8.20 14.66
CA ASP A 16 0.95 -7.78 15.98
C ASP A 16 0.20 -8.57 17.05
N PRO A 17 0.88 -9.01 18.11
CA PRO A 17 0.19 -9.78 19.16
C PRO A 17 -1.05 -9.10 19.73
N LYS A 18 -1.05 -7.77 19.86
CA LYS A 18 -2.25 -7.08 20.34
C LYS A 18 -3.41 -7.26 19.37
N VAL A 19 -3.11 -7.44 18.08
CA VAL A 19 -4.15 -7.61 17.07
C VAL A 19 -4.75 -9.01 17.15
N LYS A 20 -3.91 -10.05 17.16
CA LYS A 20 -4.42 -11.40 17.35
C LYS A 20 -5.20 -11.49 18.65
N GLU A 21 -4.66 -10.88 19.71
CA GLU A 21 -5.37 -10.73 20.98
C GLU A 21 -6.78 -10.20 20.77
N ILE A 22 -6.90 -9.00 20.20
CA ILE A 22 -8.19 -8.36 20.09
C ILE A 22 -9.13 -9.13 19.16
N MET A 23 -8.58 -9.96 18.28
CA MET A 23 -9.40 -10.72 17.33
C MET A 23 -9.97 -11.99 17.94
N ASP A 24 -9.20 -12.69 18.78
CA ASP A 24 -9.59 -14.00 19.31
C ASP A 24 -11.05 -14.14 19.74
N PRO A 25 -11.66 -13.22 20.50
CA PRO A 25 -13.03 -13.46 20.97
C PRO A 25 -14.06 -13.56 19.85
N PHE A 26 -13.84 -12.90 18.73
CA PHE A 26 -14.78 -12.95 17.61
C PHE A 26 -14.57 -14.16 16.71
N LEU A 27 -13.48 -14.89 16.92
CA LEU A 27 -13.32 -16.24 16.40
C LEU A 27 -13.79 -17.29 17.40
N ARG A 28 -13.92 -16.92 18.67
CA ARG A 28 -14.35 -17.84 19.71
C ARG A 28 -15.84 -17.71 20.03
N ASP A 29 -16.17 -16.92 21.06
CA ASP A 29 -17.52 -16.92 21.62
C ASP A 29 -18.46 -15.89 21.01
N HIS A 30 -17.94 -14.84 20.39
CA HIS A 30 -18.80 -13.76 19.90
C HIS A 30 -18.88 -13.81 18.38
N TYR A 31 -19.42 -14.91 17.86
CA TYR A 31 -19.43 -15.23 16.44
C TYR A 31 -20.69 -14.75 15.72
N GLY A 32 -21.53 -13.95 16.37
CA GLY A 32 -22.80 -13.57 15.78
C GLY A 32 -22.63 -12.74 14.53
N ASN A 33 -23.64 -12.82 13.68
CA ASN A 33 -23.68 -12.01 12.46
C ASN A 33 -24.19 -10.63 12.83
N PRO A 34 -23.42 -9.56 12.60
CA PRO A 34 -23.88 -8.22 12.99
C PRO A 34 -25.18 -7.81 12.32
N SER A 35 -25.51 -8.40 11.18
CA SER A 35 -26.78 -8.11 10.52
C SER A 35 -27.97 -8.73 11.24
N SER A 36 -27.74 -9.67 12.16
CA SER A 36 -28.83 -10.23 12.96
C SER A 36 -29.30 -9.22 14.00
N LEU A 37 -30.53 -9.42 14.47
CA LEU A 37 -31.14 -8.51 15.43
C LEU A 37 -31.01 -8.95 16.88
N HIS A 38 -30.75 -10.23 17.13
CA HIS A 38 -30.68 -10.71 18.51
C HIS A 38 -29.37 -10.27 19.16
N GLN A 39 -29.19 -10.67 20.42
CA GLN A 39 -28.02 -10.24 21.18
C GLN A 39 -26.72 -10.74 20.56
N PHE A 40 -26.77 -11.79 19.73
CA PHE A 40 -25.54 -12.25 19.09
C PHE A 40 -25.07 -11.28 18.02
N GLY A 41 -25.99 -10.61 17.34
CA GLY A 41 -25.63 -9.60 16.37
C GLY A 41 -25.31 -8.27 17.02
N THR A 42 -26.27 -7.72 17.77
CA THR A 42 -26.06 -6.44 18.45
C THR A 42 -24.84 -6.47 19.37
N GLU A 43 -24.58 -7.63 19.98
CA GLU A 43 -23.43 -7.80 20.87
C GLU A 43 -22.12 -7.41 20.21
N THR A 44 -22.06 -7.41 18.88
CA THR A 44 -20.83 -7.15 18.16
C THR A 44 -20.66 -5.70 17.75
N HIS A 45 -21.72 -4.91 17.82
CA HIS A 45 -21.68 -3.55 17.27
C HIS A 45 -20.67 -2.63 17.94
N PRO A 46 -20.51 -2.62 19.29
CA PRO A 46 -19.51 -1.72 19.89
C PRO A 46 -18.11 -1.89 19.35
N ALA A 47 -17.57 -3.12 19.38
CA ALA A 47 -16.20 -3.33 18.90
C ALA A 47 -16.06 -2.96 17.43
N ILE A 48 -17.11 -3.18 16.64
CA ILE A 48 -17.10 -2.78 15.23
C ILE A 48 -16.98 -1.26 15.13
N ALA A 49 -17.77 -0.54 15.92
CA ALA A 49 -17.74 0.92 15.86
C ALA A 49 -16.38 1.46 16.31
N GLU A 50 -15.80 0.90 17.37
CA GLU A 50 -14.47 1.33 17.78
C GLU A 50 -13.44 1.06 16.69
N ALA A 51 -13.56 -0.08 16.00
CA ALA A 51 -12.66 -0.35 14.88
C ALA A 51 -12.78 0.72 13.81
N LEU A 52 -13.99 0.98 13.34
CA LEU A 52 -14.18 1.96 12.28
C LEU A 52 -13.70 3.35 12.71
N ASP A 53 -13.94 3.71 13.98
CA ASP A 53 -13.44 5.00 14.46
C ASP A 53 -11.92 5.04 14.45
N LYS A 54 -11.28 3.92 14.82
CA LYS A 54 -9.82 3.85 14.69
C LYS A 54 -9.38 4.07 13.25
N LEU A 55 -10.17 3.61 12.28
CA LEU A 55 -9.81 3.81 10.88
C LEU A 55 -9.99 5.27 10.47
N TYR A 56 -11.19 5.83 10.68
CA TYR A 56 -11.46 7.24 10.40
C TYR A 56 -10.38 8.14 11.00
N LYS A 57 -10.11 7.96 12.29
CA LYS A 57 -9.07 8.74 12.94
C LYS A 57 -7.69 8.38 12.44
N GLY A 58 -7.52 7.19 11.87
CA GLY A 58 -6.22 6.80 11.36
C GLY A 58 -5.85 7.51 10.07
N ILE A 59 -6.82 7.79 9.21
CA ILE A 59 -6.57 8.52 7.97
C ILE A 59 -7.13 9.93 8.01
N ASN A 60 -7.58 10.41 9.18
CA ASN A 60 -8.20 11.73 9.32
C ASN A 60 -9.41 11.88 8.42
N ALA A 61 -10.24 10.84 8.36
CA ALA A 61 -11.51 10.92 7.65
C ALA A 61 -12.57 11.55 8.55
N ARG A 62 -13.55 12.17 7.92
CA ARG A 62 -14.64 12.81 8.64
C ARG A 62 -15.82 11.87 8.79
N ASP A 63 -16.63 12.12 9.83
CA ASP A 63 -17.84 11.32 10.04
C ASP A 63 -18.80 11.40 8.86
N ILE A 64 -18.69 12.44 8.03
CA ILE A 64 -19.55 12.57 6.86
C ILE A 64 -19.11 11.61 5.76
N ASP A 65 -17.84 11.21 5.75
CA ASP A 65 -17.31 10.34 4.73
C ASP A 65 -17.59 8.88 5.06
N ASP A 66 -17.37 8.00 4.08
CA ASP A 66 -17.46 6.57 4.28
C ASP A 66 -16.06 5.96 4.26
N VAL A 67 -15.84 4.96 5.10
CA VAL A 67 -14.64 4.13 5.04
C VAL A 67 -15.15 2.70 4.92
N ILE A 68 -15.38 2.28 3.69
CA ILE A 68 -16.01 0.99 3.43
C ILE A 68 -14.98 -0.13 3.59
N ILE A 69 -15.38 -1.20 4.27
CA ILE A 69 -14.52 -2.34 4.52
C ILE A 69 -14.61 -3.30 3.34
N THR A 70 -13.47 -3.60 2.72
CA THR A 70 -13.39 -4.46 1.55
C THR A 70 -12.54 -5.69 1.86
N SER A 71 -12.46 -6.59 0.88
CA SER A 71 -11.69 -7.83 1.05
C SER A 71 -10.19 -7.57 1.02
N CYS A 72 -9.74 -6.58 0.27
CA CYS A 72 -8.31 -6.27 0.17
C CYS A 72 -8.18 -4.98 -0.62
N ALA A 73 -6.94 -4.50 -0.75
CA ALA A 73 -6.69 -3.33 -1.57
C ALA A 73 -6.98 -3.59 -3.03
N THR A 74 -6.82 -4.83 -3.50
CA THR A 74 -7.14 -5.16 -4.89
C THR A 74 -8.62 -4.97 -5.16
N GLU A 75 -9.49 -5.42 -4.24
CA GLU A 75 -10.91 -5.15 -4.41
C GLU A 75 -11.19 -3.66 -4.42
N SER A 76 -10.52 -2.90 -3.55
CA SER A 76 -10.74 -1.46 -3.51
C SER A 76 -10.39 -0.82 -4.85
N ASN A 77 -9.26 -1.23 -5.44
CA ASN A 77 -8.82 -0.63 -6.70
C ASN A 77 -9.77 -1.02 -7.83
N ASN A 78 -10.10 -2.31 -7.95
CA ASN A 78 -11.09 -2.74 -8.95
C ASN A 78 -12.39 -1.98 -8.80
N TRP A 79 -12.86 -1.81 -7.56
CA TRP A 79 -14.13 -1.12 -7.31
C TRP A 79 -14.04 0.34 -7.72
N VAL A 80 -12.90 0.99 -7.48
CA VAL A 80 -12.75 2.38 -7.89
C VAL A 80 -12.76 2.48 -9.41
N LEU A 81 -11.85 1.77 -10.07
CA LEU A 81 -11.74 1.89 -11.53
C LEU A 81 -13.04 1.53 -12.24
N LYS A 82 -13.60 0.36 -11.93
CA LYS A 82 -14.81 -0.07 -12.63
C LYS A 82 -16.01 0.78 -12.22
N GLY A 83 -16.08 1.18 -10.95
CA GLY A 83 -17.17 2.03 -10.49
C GLY A 83 -17.21 3.36 -11.21
N VAL A 84 -16.07 4.06 -11.24
CA VAL A 84 -16.00 5.31 -11.99
C VAL A 84 -16.09 5.08 -13.48
N TYR A 85 -15.86 3.85 -13.95
CA TYR A 85 -16.11 3.54 -15.35
C TYR A 85 -17.61 3.60 -15.65
N PHE A 86 -18.41 2.80 -14.92
CA PHE A 86 -19.86 2.84 -15.15
C PHE A 86 -20.43 4.20 -14.82
N ASP A 87 -19.79 4.93 -13.91
CA ASP A 87 -20.34 6.20 -13.44
C ASP A 87 -20.04 7.34 -14.39
N GLU A 88 -18.78 7.47 -14.80
CA GLU A 88 -18.31 8.64 -15.54
C GLU A 88 -17.95 8.33 -16.98
N CYS A 89 -17.16 7.28 -17.23
CA CYS A 89 -16.74 6.99 -18.60
C CYS A 89 -17.93 6.62 -19.49
N LEU A 90 -18.77 5.70 -19.02
CA LEU A 90 -19.91 5.26 -19.82
C LEU A 90 -21.04 6.28 -19.79
N LYS A 91 -21.36 6.80 -18.61
CA LYS A 91 -22.57 7.61 -18.46
C LYS A 91 -22.27 9.11 -18.30
N LYS A 92 -21.02 9.54 -18.48
CA LYS A 92 -20.72 10.96 -18.65
C LYS A 92 -19.74 11.21 -19.78
N GLY A 93 -19.41 10.21 -20.59
CA GLY A 93 -18.55 10.42 -21.74
C GLY A 93 -17.08 10.49 -21.42
N LYS A 94 -16.72 10.99 -20.23
CA LYS A 94 -15.32 11.14 -19.84
C LYS A 94 -14.56 9.83 -19.95
N ASN A 95 -14.16 9.49 -21.17
CA ASN A 95 -13.57 8.20 -21.50
C ASN A 95 -12.04 8.25 -21.39
N HIS A 96 -11.54 8.81 -20.30
CA HIS A 96 -10.10 8.95 -20.15
C HIS A 96 -9.74 8.87 -18.67
N ILE A 97 -8.71 8.10 -18.36
CA ILE A 97 -8.19 7.94 -17.00
C ILE A 97 -6.68 8.07 -17.05
N VAL A 98 -6.12 8.85 -16.13
CA VAL A 98 -4.69 9.12 -16.09
C VAL A 98 -4.12 8.51 -14.82
N THR A 99 -3.03 7.76 -14.96
CA THR A 99 -2.35 7.15 -13.82
C THR A 99 -0.87 7.00 -14.17
N THR A 100 -0.10 6.38 -13.28
CA THR A 100 1.33 6.19 -13.44
C THR A 100 1.62 4.77 -13.95
N VAL A 101 2.87 4.58 -14.39
CA VAL A 101 3.34 3.26 -14.82
C VAL A 101 3.86 2.42 -13.67
N ALA A 102 3.96 2.98 -12.47
CA ALA A 102 4.47 2.28 -11.30
C ALA A 102 3.37 1.72 -10.42
N GLU A 103 2.11 1.87 -10.82
CA GLU A 103 1.01 1.41 -9.98
C GLU A 103 1.04 -0.10 -9.81
N HIS A 104 0.43 -0.56 -8.72
CA HIS A 104 0.30 -1.99 -8.48
C HIS A 104 -0.51 -2.62 -9.61
N PRO A 105 -0.21 -3.88 -9.95
CA PRO A 105 -0.98 -4.57 -11.00
C PRO A 105 -2.47 -4.57 -10.77
N ALA A 106 -2.89 -4.40 -9.51
CA ALA A 106 -4.30 -4.23 -9.21
C ALA A 106 -4.87 -2.98 -9.89
N VAL A 107 -4.03 -1.99 -10.16
CA VAL A 107 -4.44 -0.78 -10.84
C VAL A 107 -4.15 -0.90 -12.32
N ARG A 108 -2.89 -1.14 -12.68
CA ARG A 108 -2.49 -1.17 -14.08
C ARG A 108 -3.27 -2.22 -14.87
N SER A 109 -3.47 -3.41 -14.29
CA SER A 109 -4.17 -4.48 -15.00
C SER A 109 -5.64 -4.13 -15.19
N THR A 110 -6.27 -3.53 -14.19
CA THR A 110 -7.67 -3.12 -14.32
C THR A 110 -7.82 -2.01 -15.37
N CYS A 111 -6.90 -1.04 -15.37
CA CYS A 111 -6.91 -0.05 -16.44
C CYS A 111 -6.68 -0.68 -17.80
N ASN A 112 -5.91 -1.77 -17.85
CA ASN A 112 -5.75 -2.50 -19.10
C ASN A 112 -7.07 -3.10 -19.55
N PHE A 113 -7.82 -3.68 -18.60
CA PHE A 113 -9.18 -4.12 -18.89
C PHE A 113 -10.05 -2.97 -19.40
N LEU A 114 -9.92 -1.79 -18.80
CA LEU A 114 -10.74 -0.66 -19.21
C LEU A 114 -10.38 -0.21 -20.62
N GLU A 115 -9.10 -0.25 -20.97
CA GLU A 115 -8.71 -0.05 -22.36
C GLU A 115 -9.35 -1.09 -23.26
N SER A 116 -9.41 -2.35 -22.80
CA SER A 116 -10.14 -3.37 -23.54
C SER A 116 -11.60 -2.98 -23.74
N LEU A 117 -12.17 -2.22 -22.81
CA LEU A 117 -13.52 -1.69 -22.95
C LEU A 117 -13.57 -0.39 -23.75
N GLY A 118 -12.45 0.04 -24.33
CA GLY A 118 -12.44 1.24 -25.14
C GLY A 118 -12.08 2.53 -24.41
N VAL A 119 -11.50 2.44 -23.21
CA VAL A 119 -11.11 3.62 -22.44
C VAL A 119 -9.68 4.01 -22.80
N GLU A 120 -9.48 5.31 -23.00
CA GLU A 120 -8.14 5.87 -23.24
C GLU A 120 -7.48 6.11 -21.90
N VAL A 121 -6.31 5.51 -21.70
CA VAL A 121 -5.56 5.63 -20.45
C VAL A 121 -4.14 6.10 -20.77
N THR A 122 -3.71 7.15 -20.08
CA THR A 122 -2.34 7.63 -20.16
C THR A 122 -1.60 7.15 -18.91
N TYR A 123 -0.67 6.23 -19.09
CA TYR A 123 0.17 5.73 -18.00
C TYR A 123 1.39 6.64 -17.91
N LEU A 124 1.42 7.50 -16.91
CA LEU A 124 2.44 8.54 -16.86
C LEU A 124 3.83 7.93 -16.74
N PRO A 125 4.77 8.34 -17.58
CA PRO A 125 6.13 7.80 -17.49
C PRO A 125 6.84 8.25 -16.22
N ILE A 126 7.69 7.38 -15.71
CA ILE A 126 8.44 7.62 -14.50
C ILE A 126 9.74 8.31 -14.89
N ASN A 127 10.24 9.21 -14.05
CA ASN A 127 11.45 9.95 -14.37
C ASN A 127 12.68 9.28 -13.77
N GLU A 128 13.84 9.95 -13.86
CA GLU A 128 15.06 9.41 -13.29
C GLU A 128 15.13 9.61 -11.78
N HIS A 129 14.57 10.72 -11.29
CA HIS A 129 14.46 10.93 -9.86
C HIS A 129 13.67 9.79 -9.20
N GLY A 130 12.72 9.20 -9.93
CA GLY A 130 11.99 8.04 -9.47
C GLY A 130 10.53 8.27 -9.18
N SER A 131 10.03 9.51 -9.27
CA SER A 131 8.64 9.81 -8.95
C SER A 131 8.02 10.63 -10.07
N ILE A 132 6.73 10.90 -9.94
CA ILE A 132 5.99 11.73 -10.89
C ILE A 132 6.16 13.19 -10.48
N THR A 133 5.97 14.09 -11.44
CA THR A 133 6.28 15.50 -11.21
C THR A 133 5.14 16.24 -10.51
N ALA A 134 3.92 15.72 -10.63
CA ALA A 134 2.64 16.39 -10.31
C ALA A 134 2.20 17.25 -11.48
N GLU A 135 3.15 17.79 -12.25
CA GLU A 135 2.80 18.52 -13.46
C GLU A 135 2.54 17.60 -14.64
N GLN A 136 3.01 16.35 -14.58
CA GLN A 136 2.65 15.37 -15.60
C GLN A 136 1.15 15.17 -15.67
N VAL A 137 0.47 15.11 -14.51
CA VAL A 137 -0.97 14.99 -14.52
C VAL A 137 -1.60 16.29 -15.03
N ARG A 138 -1.00 17.44 -14.70
CA ARG A 138 -1.56 18.72 -15.14
C ARG A 138 -1.58 18.81 -16.66
N GLU A 139 -0.44 18.53 -17.30
CA GLU A 139 -0.43 18.48 -18.76
C GLU A 139 -1.18 17.27 -19.30
N ALA A 140 -1.54 16.31 -18.44
CA ALA A 140 -2.24 15.11 -18.88
C ALA A 140 -3.77 15.23 -18.79
N ILE A 141 -4.29 16.02 -17.87
CA ILE A 141 -5.74 16.11 -17.68
C ILE A 141 -6.40 16.83 -18.84
N THR A 142 -6.99 16.06 -19.75
CA THR A 142 -7.88 16.59 -20.77
C THR A 142 -9.21 16.99 -20.12
N GLU A 143 -10.19 17.36 -20.94
CA GLU A 143 -11.53 17.69 -20.43
C GLU A 143 -12.43 16.47 -20.28
N LYS A 144 -11.98 15.30 -20.72
CA LYS A 144 -12.75 14.07 -20.58
C LYS A 144 -12.04 13.05 -19.70
N THR A 145 -11.21 13.51 -18.77
CA THR A 145 -10.61 12.62 -17.79
C THR A 145 -11.60 12.40 -16.65
N ALA A 146 -11.94 11.14 -16.38
CA ALA A 146 -12.86 10.82 -15.30
C ALA A 146 -12.17 10.72 -13.95
N LEU A 147 -10.87 10.42 -13.92
CA LEU A 147 -10.22 10.09 -12.66
C LEU A 147 -8.71 10.13 -12.84
N VAL A 148 -8.03 10.53 -11.78
CA VAL A 148 -6.58 10.41 -11.65
C VAL A 148 -6.29 9.44 -10.53
N SER A 149 -5.43 8.46 -10.78
CA SER A 149 -5.06 7.45 -9.79
C SER A 149 -3.55 7.43 -9.65
N VAL A 150 -3.05 7.73 -8.46
CA VAL A 150 -1.61 7.75 -8.21
C VAL A 150 -1.36 7.15 -6.83
N MET A 151 -0.46 6.17 -6.76
CA MET A 151 -0.11 5.56 -5.48
C MET A 151 0.58 6.57 -4.58
N TRP A 152 0.31 6.46 -3.27
CA TRP A 152 0.94 7.38 -2.33
C TRP A 152 2.45 7.14 -2.25
N ALA A 153 2.86 5.89 -2.17
CA ALA A 153 4.27 5.51 -2.20
C ALA A 153 4.41 4.19 -2.96
N ASN A 154 5.55 4.03 -3.62
CA ASN A 154 5.78 2.87 -4.46
C ASN A 154 6.21 1.68 -3.61
N ASN A 155 5.76 0.48 -4.01
CA ASN A 155 6.04 -0.73 -3.25
C ASN A 155 7.46 -1.24 -3.48
N GLU A 156 8.05 -0.97 -4.65
CA GLU A 156 9.39 -1.47 -4.96
C GLU A 156 10.48 -0.52 -4.49
N THR A 157 10.31 0.78 -4.69
CA THR A 157 11.34 1.76 -4.36
C THR A 157 11.11 2.46 -3.03
N GLY A 158 9.88 2.49 -2.53
CA GLY A 158 9.57 3.23 -1.32
C GLY A 158 9.43 4.72 -1.53
N LEU A 159 9.42 5.19 -2.78
CA LEU A 159 9.40 6.60 -3.08
C LEU A 159 8.00 7.17 -2.87
N ILE A 160 7.91 8.19 -1.99
CA ILE A 160 6.68 8.93 -1.84
C ILE A 160 6.42 9.75 -3.09
N PHE A 161 5.14 10.00 -3.38
CA PHE A 161 4.76 10.70 -4.59
C PHE A 161 4.13 12.06 -4.26
N PRO A 162 4.21 13.03 -5.18
CA PRO A 162 3.71 14.38 -4.86
C PRO A 162 2.20 14.45 -4.66
N ILE A 163 1.66 13.59 -3.80
CA ILE A 163 0.25 13.68 -3.40
C ILE A 163 0.09 15.01 -2.66
N GLU A 164 -1.16 15.39 -2.37
CA GLU A 164 -1.51 16.70 -1.81
C GLU A 164 -1.36 17.77 -2.88
N GLU A 165 -0.22 17.80 -3.56
CA GLU A 165 -0.08 18.63 -4.76
C GLU A 165 -1.04 18.16 -5.85
N ILE A 166 -0.93 16.88 -6.23
CA ILE A 166 -1.84 16.31 -7.21
C ILE A 166 -3.29 16.40 -6.73
N GLY A 167 -3.51 16.33 -5.41
CA GLY A 167 -4.85 16.55 -4.90
C GLY A 167 -5.34 17.96 -5.17
N ALA A 168 -4.48 18.96 -4.99
CA ALA A 168 -4.85 20.33 -5.31
C ALA A 168 -5.12 20.51 -6.79
N ILE A 169 -4.32 19.88 -7.64
CA ILE A 169 -4.54 19.97 -9.09
C ILE A 169 -5.87 19.34 -9.46
N CYS A 170 -6.18 18.18 -8.88
CA CYS A 170 -7.44 17.52 -9.18
C CYS A 170 -8.63 18.30 -8.67
N LYS A 171 -8.47 19.00 -7.54
CA LYS A 171 -9.54 19.89 -7.09
C LYS A 171 -9.72 21.07 -8.04
N GLU A 172 -8.61 21.62 -8.56
CA GLU A 172 -8.68 22.77 -9.45
C GLU A 172 -9.45 22.45 -10.72
N LYS A 173 -9.03 21.42 -11.45
CA LYS A 173 -9.68 21.03 -12.69
C LYS A 173 -10.96 20.25 -12.47
N GLY A 174 -11.35 20.01 -11.22
CA GLY A 174 -12.60 19.36 -10.90
C GLY A 174 -12.68 17.93 -11.39
N VAL A 175 -11.73 17.09 -10.99
CA VAL A 175 -11.65 15.71 -11.43
C VAL A 175 -11.43 14.80 -10.23
N LEU A 176 -11.94 13.57 -10.36
CA LEU A 176 -11.87 12.61 -9.26
C LEU A 176 -10.43 12.21 -8.99
N PHE A 177 -10.10 12.05 -7.71
CA PHE A 177 -8.76 11.71 -7.26
C PHE A 177 -8.80 10.47 -6.39
N HIS A 178 -7.97 9.48 -6.74
CA HIS A 178 -7.86 8.24 -5.97
C HIS A 178 -6.39 7.95 -5.75
N THR A 179 -6.07 7.40 -4.57
CA THR A 179 -4.68 7.06 -4.26
C THR A 179 -4.62 5.69 -3.59
N ASP A 180 -3.83 4.80 -4.20
CA ASP A 180 -3.43 3.53 -3.59
C ASP A 180 -2.42 3.85 -2.49
N ALA A 181 -2.89 3.86 -1.24
CA ALA A 181 -2.07 4.26 -0.10
C ALA A 181 -1.63 3.06 0.74
N VAL A 182 -1.48 1.89 0.12
CA VAL A 182 -1.19 0.67 0.89
C VAL A 182 0.16 0.77 1.57
N GLN A 183 1.18 1.25 0.85
CA GLN A 183 2.53 1.31 1.40
C GLN A 183 2.75 2.53 2.26
N ALA A 184 1.79 3.46 2.34
CA ALA A 184 1.90 4.66 3.15
C ALA A 184 1.45 4.46 4.59
N ILE A 185 0.46 3.61 4.82
CA ILE A 185 -0.08 3.41 6.17
C ILE A 185 0.97 2.71 7.02
N GLY A 186 1.21 3.25 8.21
CA GLY A 186 2.21 2.74 9.13
C GLY A 186 3.59 3.33 8.93
N LYS A 187 3.92 3.71 7.69
CA LYS A 187 5.22 4.29 7.35
C LYS A 187 5.23 5.81 7.52
N ILE A 188 4.29 6.50 6.88
CA ILE A 188 4.20 7.95 6.95
C ILE A 188 2.76 8.34 7.26
N PRO A 189 2.54 9.52 7.83
CA PRO A 189 1.16 9.98 8.07
C PRO A 189 0.38 10.12 6.78
N VAL A 190 -0.92 9.81 6.87
CA VAL A 190 -1.82 9.86 5.73
C VAL A 190 -3.02 10.72 6.12
N ASP A 191 -3.27 11.77 5.34
CA ASP A 191 -4.38 12.69 5.59
C ASP A 191 -5.20 12.81 4.30
N VAL A 192 -6.43 12.30 4.35
CA VAL A 192 -7.31 12.37 3.17
C VAL A 192 -7.71 13.81 2.91
N LEU A 193 -7.75 14.65 3.95
CA LEU A 193 -8.17 16.02 3.77
C LEU A 193 -7.05 16.88 3.18
N LYS A 194 -5.82 16.63 3.60
CA LYS A 194 -4.67 17.29 2.96
C LYS A 194 -4.50 16.83 1.52
N ALA A 195 -4.90 15.60 1.22
CA ALA A 195 -4.70 15.02 -0.09
C ALA A 195 -5.81 15.35 -1.08
N ASN A 196 -6.90 15.99 -0.64
CA ASN A 196 -8.10 16.19 -1.45
C ASN A 196 -8.44 14.93 -2.24
N ALA A 197 -8.35 13.78 -1.58
CA ALA A 197 -8.60 12.51 -2.23
C ALA A 197 -10.08 12.15 -2.10
N ASP A 198 -10.69 11.78 -3.24
CA ASP A 198 -12.05 11.26 -3.20
C ASP A 198 -12.07 9.77 -2.90
N PHE A 199 -11.02 9.05 -3.28
CA PHE A 199 -10.91 7.61 -3.05
C PHE A 199 -9.54 7.28 -2.50
N LEU A 200 -9.48 6.43 -1.48
CA LEU A 200 -8.19 5.99 -0.95
C LEU A 200 -8.24 4.48 -0.70
N SER A 201 -7.19 3.77 -1.10
CA SER A 201 -7.10 2.33 -0.91
C SER A 201 -6.06 2.00 0.14
N PHE A 202 -6.33 0.95 0.93
CA PHE A 202 -5.27 0.43 1.79
C PHE A 202 -5.58 -1.01 2.17
N SER A 203 -4.51 -1.79 2.36
CA SER A 203 -4.59 -3.20 2.71
C SER A 203 -4.04 -3.39 4.13
N ALA A 204 -4.64 -4.33 4.86
CA ALA A 204 -4.37 -4.43 6.29
C ALA A 204 -3.03 -5.09 6.58
N HIS A 205 -2.66 -6.12 5.83
CA HIS A 205 -1.49 -6.91 6.18
C HIS A 205 -0.17 -6.17 5.93
N LYS A 206 -0.22 -4.88 5.60
CA LYS A 206 0.98 -4.08 5.47
C LYS A 206 1.27 -3.22 6.70
N PHE A 207 0.32 -3.11 7.62
CA PHE A 207 0.56 -2.51 8.93
C PHE A 207 0.18 -3.48 10.03
N HIS A 208 0.58 -4.74 9.85
CA HIS A 208 0.56 -5.77 10.88
C HIS A 208 -0.86 -6.17 11.27
N GLY A 209 -1.73 -6.24 10.27
CA GLY A 209 -3.02 -6.87 10.41
C GLY A 209 -3.12 -8.10 9.55
N PRO A 210 -4.26 -8.77 9.57
CA PRO A 210 -4.42 -10.00 8.80
C PRO A 210 -4.57 -9.75 7.31
N LYS A 211 -4.10 -10.72 6.53
CA LYS A 211 -4.36 -10.71 5.10
C LYS A 211 -5.84 -10.94 4.84
N GLY A 212 -6.32 -10.48 3.69
CA GLY A 212 -7.69 -10.73 3.33
C GLY A 212 -8.70 -9.78 3.91
N ILE A 213 -8.28 -8.61 4.40
CA ILE A 213 -9.17 -7.50 4.63
C ILE A 213 -8.46 -6.21 4.23
N GLY A 214 -9.24 -5.26 3.72
CA GLY A 214 -8.74 -3.99 3.27
C GLY A 214 -9.81 -2.91 3.45
N GLY A 215 -9.49 -1.72 2.98
CA GLY A 215 -10.38 -0.58 3.16
C GLY A 215 -10.32 0.37 1.98
N LEU A 216 -11.47 0.98 1.69
CA LEU A 216 -11.59 2.02 0.67
C LEU A 216 -12.30 3.22 1.27
N TYR A 217 -11.60 4.36 1.31
CA TYR A 217 -12.17 5.63 1.76
C TYR A 217 -12.86 6.33 0.61
N ILE A 218 -14.07 6.81 0.88
CA ILE A 218 -14.91 7.53 -0.07
C ILE A 218 -15.33 8.85 0.57
N ARG A 219 -14.96 9.95 -0.06
CA ARG A 219 -15.33 11.28 0.42
C ARG A 219 -16.84 11.48 0.35
N SER A 220 -17.36 12.32 1.23
CA SER A 220 -18.79 12.56 1.30
C SER A 220 -19.32 13.15 -0.01
N GLY A 221 -20.37 12.52 -0.55
CA GLY A 221 -20.97 12.97 -1.78
C GLY A 221 -20.43 12.31 -3.02
N VAL A 222 -19.34 11.54 -2.92
CA VAL A 222 -18.79 10.86 -4.08
C VAL A 222 -19.52 9.54 -4.27
N GLY A 223 -20.11 9.35 -5.45
CA GLY A 223 -20.81 8.12 -5.76
C GLY A 223 -19.91 7.10 -6.43
N LEU A 224 -20.12 5.84 -6.08
CA LEU A 224 -19.31 4.75 -6.63
C LEU A 224 -20.21 3.53 -6.73
N THR A 225 -20.54 3.14 -7.96
CA THR A 225 -21.46 2.02 -8.17
C THR A 225 -20.85 0.75 -7.58
N PRO A 226 -21.58 0.04 -6.72
CA PRO A 226 -20.96 -1.02 -5.93
C PRO A 226 -20.41 -2.16 -6.79
N LEU A 227 -19.28 -2.70 -6.33
CA LEU A 227 -18.75 -3.94 -6.90
C LEU A 227 -19.46 -5.16 -6.35
N PHE A 228 -19.93 -5.09 -5.10
CA PHE A 228 -20.65 -6.18 -4.46
C PHE A 228 -22.10 -5.73 -4.29
N HIS A 229 -23.00 -6.37 -5.04
CA HIS A 229 -24.41 -6.03 -5.00
C HIS A 229 -25.16 -6.98 -4.07
N GLY A 230 -26.28 -6.51 -3.54
CA GLY A 230 -26.98 -7.15 -2.46
C GLY A 230 -27.46 -6.09 -1.50
N GLY A 231 -26.69 -5.01 -1.42
CA GLY A 231 -27.11 -3.75 -0.81
C GLY A 231 -27.58 -3.80 0.62
N GLU A 232 -27.09 -4.75 1.41
CA GLU A 232 -27.46 -4.79 2.81
C GLU A 232 -26.43 -4.15 3.73
N HIS A 233 -25.14 -4.31 3.43
CA HIS A 233 -24.07 -3.92 4.32
C HIS A 233 -23.38 -2.66 3.83
N MET A 234 -22.82 -1.91 4.78
CA MET A 234 -21.93 -0.78 4.51
C MET A 234 -22.64 0.31 3.69
N ASN A 235 -23.82 0.70 4.16
CA ASN A 235 -24.68 1.66 3.47
C ASN A 235 -25.06 1.15 2.08
N GLY A 236 -25.08 -0.18 1.90
CA GLY A 236 -25.41 -0.79 0.63
C GLY A 236 -24.29 -0.82 -0.39
N ARG A 237 -23.16 -0.15 -0.12
CA ARG A 237 -22.12 0.03 -1.12
C ARG A 237 -21.23 -1.20 -1.29
N ARG A 238 -21.26 -2.14 -0.34
CA ARG A 238 -20.45 -3.35 -0.45
C ARG A 238 -21.12 -4.43 0.40
N SER A 239 -21.88 -5.30 -0.26
CA SER A 239 -22.64 -6.34 0.42
C SER A 239 -21.74 -7.48 0.85
N GLY A 240 -22.26 -8.32 1.72
CA GLY A 240 -21.54 -9.48 2.26
C GLY A 240 -21.38 -9.38 3.77
N THR A 241 -21.57 -10.52 4.44
CA THR A 241 -21.48 -10.57 5.89
C THR A 241 -20.11 -10.05 6.36
N LEU A 242 -20.13 -9.25 7.42
CA LEU A 242 -18.92 -8.57 7.86
C LEU A 242 -17.93 -9.56 8.46
N ASN A 243 -16.67 -9.40 8.08
CA ASN A 243 -15.54 -10.12 8.67
C ASN A 243 -15.21 -9.48 10.02
N VAL A 244 -16.11 -9.71 10.98
CA VAL A 244 -16.06 -9.10 12.31
C VAL A 244 -14.65 -9.18 12.90
N PRO A 245 -14.03 -10.39 13.01
CA PRO A 245 -12.69 -10.46 13.61
C PRO A 245 -11.68 -9.61 12.87
N TYR A 246 -11.56 -9.81 11.55
CA TYR A 246 -10.58 -9.07 10.78
C TYR A 246 -10.86 -7.57 10.83
N ILE A 247 -12.14 -7.18 10.92
CA ILE A 247 -12.46 -5.75 11.04
C ILE A 247 -11.88 -5.19 12.34
N VAL A 248 -12.17 -5.85 13.46
CA VAL A 248 -11.66 -5.40 14.75
C VAL A 248 -10.14 -5.33 14.74
N GLY A 249 -9.48 -6.43 14.36
CA GLY A 249 -8.04 -6.46 14.35
C GLY A 249 -7.42 -5.45 13.39
N MET A 250 -8.12 -5.11 12.31
CA MET A 250 -7.57 -4.12 11.40
C MET A 250 -7.72 -2.71 11.96
N GLY A 251 -8.78 -2.47 12.73
CA GLY A 251 -8.83 -1.22 13.49
C GLY A 251 -7.68 -1.07 14.44
N GLU A 252 -7.40 -2.12 15.23
CA GLU A 252 -6.28 -2.05 16.16
C GLU A 252 -4.94 -1.93 15.41
N ALA A 253 -4.82 -2.62 14.27
CA ALA A 253 -3.60 -2.51 13.48
C ALA A 253 -3.39 -1.09 12.97
N MET A 254 -4.47 -0.44 12.54
CA MET A 254 -4.41 0.97 12.18
C MET A 254 -3.91 1.81 13.34
N LYS A 255 -4.58 1.68 14.50
CA LYS A 255 -4.21 2.45 15.68
C LYS A 255 -2.73 2.29 16.02
N LEU A 256 -2.30 1.05 16.28
CA LEU A 256 -0.90 0.79 16.62
C LEU A 256 0.03 1.28 15.51
N ALA A 257 -0.42 1.26 14.25
CA ALA A 257 0.42 1.71 13.16
C ALA A 257 0.68 3.21 13.26
N VAL A 258 -0.35 4.00 13.55
CA VAL A 258 -0.12 5.45 13.63
C VAL A 258 0.57 5.84 14.94
N GLU A 259 0.36 5.08 16.01
CA GLU A 259 1.04 5.37 17.27
C GLU A 259 2.53 5.07 17.21
N HIS A 260 3.01 4.42 16.15
CA HIS A 260 4.42 4.14 15.96
C HIS A 260 5.03 4.91 14.80
N LEU A 261 4.42 6.01 14.37
CA LEU A 261 4.97 6.78 13.26
C LEU A 261 6.30 7.43 13.65
N ASP A 262 6.33 8.10 14.80
CA ASP A 262 7.58 8.69 15.28
C ASP A 262 8.65 7.62 15.46
N TYR A 263 8.27 6.45 15.99
CA TYR A 263 9.22 5.34 16.09
C TYR A 263 9.64 4.88 14.70
N GLU A 264 8.71 4.89 13.73
CA GLU A 264 9.05 4.43 12.39
C GLU A 264 10.10 5.32 11.73
N LYS A 265 10.01 6.64 11.94
CA LYS A 265 11.00 7.48 11.28
C LYS A 265 12.28 7.64 12.10
N GLU A 266 12.15 7.76 13.42
CA GLU A 266 13.33 8.01 14.25
C GLU A 266 14.17 6.75 14.44
N VAL A 267 13.56 5.57 14.37
CA VAL A 267 14.24 4.30 14.65
C VAL A 267 14.34 3.43 13.41
N VAL A 268 13.20 3.08 12.80
CA VAL A 268 13.20 2.15 11.67
C VAL A 268 13.94 2.76 10.49
N GLY A 269 13.66 4.03 10.18
CA GLY A 269 14.39 4.70 9.12
C GLY A 269 15.89 4.76 9.38
N LYS A 270 16.27 4.88 10.65
CA LYS A 270 17.70 4.92 11.00
C LYS A 270 18.36 3.56 10.76
N LEU A 271 17.65 2.47 11.05
CA LEU A 271 18.17 1.15 10.73
C LEU A 271 18.23 0.94 9.22
N ARG A 272 17.28 1.50 8.48
CA ARG A 272 17.35 1.48 7.02
C ARG A 272 18.60 2.18 6.52
N ASP A 273 18.87 3.37 7.05
CA ASP A 273 20.07 4.10 6.64
C ASP A 273 21.33 3.35 7.04
N LYS A 274 21.30 2.68 8.20
CA LYS A 274 22.45 1.89 8.64
C LYS A 274 22.74 0.75 7.66
N LEU A 275 21.74 -0.08 7.39
CA LEU A 275 21.93 -1.20 6.47
C LEU A 275 22.33 -0.71 5.09
N GLU A 276 21.54 0.21 4.52
CA GLU A 276 21.78 0.68 3.15
C GLU A 276 23.17 1.29 3.01
N GLU A 277 23.52 2.20 3.92
CA GLU A 277 24.83 2.84 3.85
C GLU A 277 25.96 1.83 4.04
N ALA A 278 25.74 0.85 4.91
CA ALA A 278 26.74 -0.22 5.05
C ALA A 278 26.86 -1.05 3.78
N LEU A 279 25.79 -1.11 2.99
CA LEU A 279 25.76 -1.95 1.81
C LEU A 279 26.36 -1.29 0.58
N LEU A 280 26.20 0.03 0.42
CA LEU A 280 26.79 0.67 -0.75
C LEU A 280 28.29 0.97 -0.58
N LYS A 281 28.88 0.61 0.56
CA LYS A 281 30.33 0.68 0.74
C LYS A 281 31.07 -0.42 -0.02
N ILE A 282 30.34 -1.30 -0.70
CA ILE A 282 30.94 -2.44 -1.40
C ILE A 282 30.90 -2.15 -2.89
N PRO A 283 31.69 -2.88 -3.75
CA PRO A 283 31.96 -2.42 -5.13
C PRO A 283 30.85 -1.74 -5.92
N ASP A 284 30.21 -2.46 -6.83
CA ASP A 284 29.29 -1.86 -7.79
C ASP A 284 27.86 -2.11 -7.33
N VAL A 285 27.37 -1.22 -6.46
CA VAL A 285 26.01 -1.26 -5.93
C VAL A 285 25.53 0.17 -5.78
N MET A 286 24.35 0.48 -6.32
CA MET A 286 23.77 1.81 -6.22
C MET A 286 22.28 1.70 -5.95
N VAL A 287 21.80 2.48 -4.99
CA VAL A 287 20.38 2.48 -4.67
C VAL A 287 19.58 2.96 -5.87
N VAL A 288 18.42 2.35 -6.09
CA VAL A 288 17.55 2.71 -7.20
C VAL A 288 16.61 3.81 -6.73
N GLY A 289 16.67 4.97 -7.38
CA GLY A 289 15.77 6.07 -7.09
C GLY A 289 16.26 6.99 -5.99
N ASP A 290 15.49 8.05 -5.79
CA ASP A 290 15.81 9.08 -4.81
C ASP A 290 15.93 8.45 -3.43
N ARG A 291 16.73 9.08 -2.57
CA ARG A 291 16.94 8.63 -1.21
C ARG A 291 16.31 9.54 -0.16
N ILE A 292 15.90 10.75 -0.54
CA ILE A 292 15.41 11.73 0.43
C ILE A 292 13.93 11.50 0.74
N HIS A 293 13.08 11.53 -0.29
CA HIS A 293 11.64 11.35 -0.10
C HIS A 293 11.30 9.87 -0.28
N ARG A 294 11.63 9.09 0.75
CA ARG A 294 11.30 7.68 0.82
C ARG A 294 10.64 7.36 2.15
N VAL A 295 9.76 6.36 2.13
CA VAL A 295 9.19 5.82 3.36
C VAL A 295 10.36 5.30 4.20
N PRO A 296 10.28 5.38 5.53
CA PRO A 296 11.46 5.07 6.36
C PRO A 296 11.94 3.64 6.27
N ASN A 297 11.17 2.72 5.70
CA ASN A 297 11.40 1.29 5.93
C ASN A 297 11.93 0.51 4.73
N THR A 298 12.04 1.11 3.54
CA THR A 298 12.35 0.34 2.34
C THR A 298 13.58 0.88 1.64
N THR A 299 14.43 -0.04 1.17
CA THR A 299 15.53 0.29 0.28
C THR A 299 15.60 -0.74 -0.84
N LEU A 300 15.92 -0.26 -2.05
CA LEU A 300 16.00 -1.10 -3.24
C LEU A 300 17.34 -0.85 -3.92
N VAL A 301 18.25 -1.81 -3.82
CA VAL A 301 19.62 -1.65 -4.30
C VAL A 301 19.91 -2.67 -5.40
N SER A 302 20.72 -2.26 -6.37
CA SER A 302 21.17 -3.13 -7.45
C SER A 302 22.60 -3.56 -7.18
N VAL A 303 23.02 -4.64 -7.85
CA VAL A 303 24.32 -5.26 -7.57
C VAL A 303 24.99 -5.63 -8.89
N ARG A 304 26.19 -5.10 -9.12
CA ARG A 304 27.21 -5.57 -10.06
C ARG A 304 26.64 -6.32 -11.26
N GLY A 305 27.03 -7.59 -11.40
CA GLY A 305 26.51 -8.46 -12.44
C GLY A 305 25.86 -9.67 -11.80
N ILE A 306 25.01 -9.41 -10.83
CA ILE A 306 24.28 -10.43 -10.08
C ILE A 306 22.80 -10.08 -10.15
N GLU A 307 21.99 -10.99 -10.70
CA GLU A 307 20.56 -10.79 -10.72
C GLU A 307 20.00 -10.76 -9.31
N GLY A 308 18.83 -10.13 -9.15
CA GLY A 308 18.23 -10.02 -7.84
C GLY A 308 17.84 -11.37 -7.26
N GLU A 309 17.27 -12.24 -8.10
CA GLU A 309 16.82 -13.54 -7.63
C GLU A 309 17.96 -14.37 -7.05
N ALA A 310 19.18 -14.18 -7.56
CA ALA A 310 20.32 -14.93 -7.04
C ALA A 310 20.59 -14.56 -5.58
N MET A 311 20.74 -13.27 -5.30
CA MET A 311 20.92 -12.83 -3.92
C MET A 311 19.72 -13.18 -3.05
N LEU A 312 18.52 -13.21 -3.63
CA LEU A 312 17.38 -13.71 -2.87
C LEU A 312 17.58 -15.16 -2.47
N TRP A 313 18.12 -15.98 -3.39
CA TRP A 313 18.30 -17.39 -3.08
C TRP A 313 19.35 -17.58 -1.99
N ASP A 314 20.52 -16.98 -2.17
CA ASP A 314 21.58 -17.16 -1.18
C ASP A 314 21.18 -16.57 0.17
N LEU A 315 20.48 -15.43 0.16
CA LEU A 315 19.97 -14.88 1.41
C LEU A 315 18.94 -15.80 2.05
N ASN A 316 18.09 -16.42 1.25
CA ASN A 316 17.11 -17.36 1.76
C ASN A 316 17.79 -18.56 2.41
N ARG A 317 18.93 -18.99 1.85
CA ARG A 317 19.65 -20.13 2.44
C ARG A 317 20.19 -19.81 3.82
N SER A 318 20.47 -18.53 4.10
CA SER A 318 20.85 -18.10 5.43
C SER A 318 19.66 -17.57 6.23
N ASN A 319 18.44 -17.84 5.76
CA ASN A 319 17.21 -17.55 6.50
C ASN A 319 16.98 -16.04 6.64
N ILE A 320 17.21 -15.29 5.56
CA ILE A 320 16.93 -13.86 5.50
C ILE A 320 16.05 -13.61 4.29
N ALA A 321 14.92 -12.92 4.51
CA ALA A 321 13.86 -12.82 3.51
C ALA A 321 13.77 -11.39 2.97
N ALA A 322 13.91 -11.26 1.65
CA ALA A 322 13.73 -9.99 0.95
C ALA A 322 13.20 -10.29 -0.45
N SER A 323 12.69 -9.26 -1.13
CA SER A 323 12.09 -9.46 -2.45
C SER A 323 12.97 -8.85 -3.53
N THR A 324 12.44 -8.86 -4.77
CA THR A 324 13.12 -8.25 -5.90
C THR A 324 12.47 -6.90 -6.21
N GLY A 325 12.89 -6.30 -7.31
CA GLY A 325 12.32 -5.04 -7.77
C GLY A 325 13.02 -4.56 -9.03
N SER A 326 12.29 -4.57 -10.15
CA SER A 326 12.85 -4.12 -11.42
C SER A 326 13.43 -2.71 -11.27
N ALA A 327 14.58 -2.49 -11.90
CA ALA A 327 15.40 -1.34 -11.62
C ALA A 327 16.12 -0.78 -12.87
N CSS A 328 16.02 0.54 -13.06
CA CSS A 328 16.74 1.27 -14.09
CB CSS A 328 18.22 1.34 -13.72
SG CSS A 328 18.43 2.73 -12.56
SD CSS A 328 20.15 2.62 -11.35
C CSS A 328 16.57 0.68 -15.52
O CSS A 328 15.60 1.09 -16.22
N ALA A 329 17.46 -0.22 -15.94
CA ALA A 329 17.43 -0.82 -17.29
C ALA A 329 18.03 -2.25 -17.39
N SER A 330 17.57 -3.02 -18.39
CA SER A 330 18.11 -4.35 -18.74
C SER A 330 19.54 -4.21 -19.33
N ALA A 349 14.24 -7.00 -17.33
CA ALA A 349 15.19 -6.01 -16.86
C ALA A 349 16.45 -6.67 -16.29
N HIS A 350 16.94 -6.13 -15.17
CA HIS A 350 18.03 -6.72 -14.42
C HIS A 350 17.63 -7.20 -13.04
N THR A 351 16.55 -6.67 -12.47
CA THR A 351 16.02 -7.01 -11.14
C THR A 351 17.01 -6.65 -10.03
N ALA A 352 16.52 -5.94 -9.02
CA ALA A 352 17.30 -5.51 -7.88
C ALA A 352 16.71 -6.10 -6.60
N ILE A 353 17.37 -5.83 -5.48
CA ILE A 353 17.00 -6.35 -4.18
C ILE A 353 16.17 -5.30 -3.45
N ARG A 354 15.01 -5.71 -2.93
CA ARG A 354 14.18 -4.89 -2.07
C ARG A 354 14.23 -5.45 -0.65
N LEU A 355 14.77 -4.66 0.26
CA LEU A 355 14.76 -4.96 1.69
C LEU A 355 13.89 -3.93 2.40
N SER A 356 12.86 -4.41 3.09
CA SER A 356 11.83 -3.56 3.67
C SER A 356 11.66 -3.92 5.15
N LEU A 357 11.97 -2.98 6.04
CA LEU A 357 12.02 -3.25 7.47
C LEU A 357 10.65 -3.10 8.11
N SER A 358 10.59 -3.35 9.42
CA SER A 358 9.37 -3.23 10.20
C SER A 358 9.75 -2.78 11.61
N ARG A 359 8.73 -2.56 12.45
CA ARG A 359 9.00 -2.11 13.81
C ARG A 359 9.52 -3.22 14.72
N PHE A 360 9.60 -4.46 14.24
CA PHE A 360 10.06 -5.58 15.05
C PHE A 360 11.53 -5.93 14.85
N ASN A 361 12.15 -5.46 13.78
CA ASN A 361 13.54 -5.76 13.52
C ASN A 361 14.45 -5.01 14.48
N THR A 362 15.62 -5.58 14.76
CA THR A 362 16.60 -4.99 15.66
C THR A 362 17.88 -4.68 14.91
N GLU A 363 18.78 -3.98 15.60
CA GLU A 363 20.08 -3.67 15.00
C GLU A 363 20.91 -4.92 14.78
N ALA A 364 20.85 -5.87 15.73
CA ALA A 364 21.61 -7.11 15.59
C ALA A 364 21.28 -7.80 14.27
N GLU A 365 19.98 -7.93 13.97
CA GLU A 365 19.55 -8.49 12.69
C GLU A 365 20.15 -7.71 11.51
N ILE A 366 20.30 -6.39 11.67
CA ILE A 366 20.85 -5.57 10.59
C ILE A 366 22.33 -5.89 10.38
N ASP A 367 23.11 -5.90 11.46
CA ASP A 367 24.52 -6.27 11.35
C ASP A 367 24.66 -7.63 10.69
N LYS A 368 23.88 -8.62 11.13
CA LYS A 368 24.02 -9.94 10.53
C LYS A 368 23.57 -9.94 9.07
N THR A 369 22.64 -9.05 8.71
CA THR A 369 22.24 -8.93 7.31
C THR A 369 23.34 -8.30 6.46
N ILE A 370 24.15 -7.43 7.04
CA ILE A 370 25.28 -6.87 6.31
C ILE A 370 26.38 -7.90 6.14
N GLU A 371 26.66 -8.66 7.21
CA GLU A 371 27.60 -9.78 7.13
C GLU A 371 27.20 -10.75 6.02
N VAL A 372 26.00 -11.34 6.14
CA VAL A 372 25.52 -12.32 5.18
C VAL A 372 25.45 -11.71 3.78
N PHE A 373 25.04 -10.44 3.70
CA PHE A 373 24.94 -9.79 2.40
C PHE A 373 26.30 -9.69 1.72
N SER A 374 27.31 -9.19 2.43
CA SER A 374 28.64 -9.05 1.82
C SER A 374 29.22 -10.40 1.44
N GLN A 375 29.13 -11.37 2.37
CA GLN A 375 29.58 -12.73 2.07
C GLN A 375 28.94 -13.25 0.79
N ALA A 376 27.64 -13.07 0.65
CA ALA A 376 26.95 -13.51 -0.56
C ALA A 376 27.44 -12.73 -1.78
N ALA A 377 27.62 -11.42 -1.64
CA ALA A 377 28.01 -10.59 -2.77
C ALA A 377 29.34 -11.06 -3.37
N VAL A 378 30.33 -11.27 -2.51
CA VAL A 378 31.61 -11.77 -3.04
C VAL A 378 31.52 -13.24 -3.43
N ARG A 379 30.58 -13.99 -2.85
CA ARG A 379 30.41 -15.39 -3.23
C ARG A 379 29.91 -15.51 -4.66
N LEU A 380 28.66 -15.05 -4.88
CA LEU A 380 28.08 -15.10 -6.23
C LEU A 380 28.90 -14.28 -7.22
N ARG A 381 29.45 -13.16 -6.76
CA ARG A 381 30.27 -12.32 -7.64
C ARG A 381 31.51 -13.07 -8.09
N ASN A 382 32.18 -13.80 -7.19
CA ASN A 382 33.33 -14.58 -7.59
C ASN A 382 32.94 -15.76 -8.47
N ILE A 383 31.83 -16.43 -8.17
CA ILE A 383 31.44 -17.60 -8.95
C ILE A 383 31.01 -17.22 -10.35
N SER A 384 30.65 -15.94 -10.57
CA SER A 384 30.27 -15.47 -11.91
C SER A 384 31.37 -15.68 -12.94
N SER A 385 32.64 -15.71 -12.51
CA SER A 385 33.75 -15.98 -13.42
C SER A 385 33.88 -17.48 -13.72
C1 IPA B . -20.54 2.53 7.27
C2 IPA B . -19.33 3.46 7.19
C3 IPA B . -18.37 3.14 8.32
O2 IPA B . -18.67 3.27 5.96
CL CL C . -19.41 -2.54 -11.34
N PDA D . 2.21 -5.42 -2.67
N1 PDA D . -1.37 -1.98 -3.50
C2 PDA D . -0.04 -1.91 -3.22
C2A PDA D . 0.68 -0.57 -3.30
C3 PDA D . 0.65 -3.06 -2.85
O3A PDA D . 2.09 -3.01 -2.55
C4 PDA D . -0.01 -4.27 -2.78
C4A PDA D . 0.73 -5.58 -2.40
C5 PDA D . -1.34 -4.33 -3.08
C5A PDA D . -2.06 -5.69 -2.99
OP4 PDA D . -2.76 -5.72 -1.73
P PDA D . -3.84 -6.99 -1.51
OP1 PDA D . -3.10 -8.29 -1.82
OP2 PDA D . -5.00 -6.84 -2.49
OP3 PDA D . -4.38 -7.00 -0.04
C6 PDA D . -2.03 -3.19 -3.42
CA PDA D . 2.92 -6.72 -2.57
CB PDA D . 2.16 -7.82 -3.31
C PDA D . 4.31 -6.54 -3.15
O PDA D . 5.13 -7.47 -3.10
OXT PDA D . 4.61 -5.49 -3.67
#